data_4UFT
#
_entry.id   4UFT
#
_cell.length_a   1.000
_cell.length_b   1.000
_cell.length_c   1.000
_cell.angle_alpha   90.00
_cell.angle_beta   90.00
_cell.angle_gamma   90.00
#
_symmetry.space_group_name_H-M   'P 1'
#
loop_
_entity.id
_entity.type
_entity.pdbx_description
1 polymer NUCLEOPROTEIN
2 polymer "5'-R(*CP*CP*CP*CP*CP*CP)-3'"
#
loop_
_entity_poly.entity_id
_entity_poly.type
_entity_poly.pdbx_seq_one_letter_code
_entity_poly.pdbx_strand_id
1 'polypeptide(L)'
;MATLLRSLALFKRNKDKPPITSGSGGAIRGIKHIIIVPIPGDSSITTRSRLLDRLVRLIGNPDVSGPKLTGALIGILSLF
VESPGQLIQRITDDPDVSIRLLEVVQSDQSQSGLTFASRGTNMEDEADQYFSHDDPISSDQSRFGWFENKEISDIEVQDP
EGFNMILGTILAQIWVLVAKAVTAPDTAADSELRRWIKYTQQRRVVGEFRLERKWLDVVRNRIAEDLSLRRFMVALILDI
KRTPGNKPRIAEMICNIDTYIVEAGLASFILTIKFGIETMYPALGLHEFDGELSTLESLMNLYQQMGETAPYMVILENSI
QNKFSAGSYPLLWSYAMGVGVELENSMGGLNFGRSYFDPAYFRLGQEMVRRSAGKVSSTLASELGITAEDA
;
B
2 'polyribonucleotide' CCCCCC R
#
# COMPACT_ATOMS: atom_id res chain seq x y z
N MET A 1 -11.22 -11.35 46.04
CA MET A 1 -10.28 -12.00 45.09
C MET A 1 -9.81 -11.01 44.03
N ALA A 2 -8.98 -10.05 44.46
CA ALA A 2 -8.45 -9.00 43.59
C ALA A 2 -9.55 -8.26 42.85
N THR A 3 -10.41 -7.59 43.60
CA THR A 3 -11.52 -6.84 43.03
C THR A 3 -11.02 -5.65 42.21
N LEU A 4 -9.90 -5.08 42.63
CA LEU A 4 -9.31 -3.94 41.93
C LEU A 4 -8.83 -4.34 40.54
N LEU A 5 -8.13 -5.46 40.45
CA LEU A 5 -7.56 -5.91 39.18
C LEU A 5 -8.64 -6.40 38.21
N ARG A 6 -9.66 -7.07 38.75
CA ARG A 6 -10.76 -7.56 37.93
C ARG A 6 -11.53 -6.41 37.30
N SER A 7 -11.78 -5.36 38.08
CA SER A 7 -12.46 -4.18 37.59
C SER A 7 -11.58 -3.38 36.64
N LEU A 8 -10.28 -3.34 36.94
CA LEU A 8 -9.32 -2.63 36.10
C LEU A 8 -9.24 -3.27 34.72
N ALA A 9 -9.34 -4.59 34.66
CA ALA A 9 -9.33 -5.30 33.39
C ALA A 9 -10.56 -4.95 32.55
N LEU A 10 -11.66 -4.64 33.22
CA LEU A 10 -12.90 -4.25 32.54
C LEU A 10 -12.82 -2.82 31.98
N PHE A 11 -11.95 -2.00 32.55
CA PHE A 11 -11.81 -0.61 32.13
C PHE A 11 -11.29 -0.45 30.70
N LYS A 12 -10.67 -1.50 30.16
CA LYS A 12 -10.12 -1.44 28.80
C LYS A 12 -11.20 -1.35 27.71
N ARG A 13 -12.46 -1.50 28.09
CA ARG A 13 -13.57 -1.37 27.16
C ARG A 13 -13.66 0.02 26.52
N ASN A 14 -13.02 1.02 27.15
CA ASN A 14 -12.95 2.36 26.58
C ASN A 14 -12.31 2.39 25.19
N LYS A 15 -11.43 1.44 24.91
CA LYS A 15 -10.77 1.37 23.61
C LYS A 15 -11.69 0.73 22.57
N ASP A 16 -12.01 -0.55 22.76
CA ASP A 16 -12.85 -1.29 21.82
C ASP A 16 -14.31 -1.27 22.32
N LYS A 17 -15.31 -0.92 21.50
CA LYS A 17 -15.21 -0.63 20.07
C LYS A 17 -16.44 0.20 19.70
N PRO A 18 -16.31 1.12 18.72
CA PRO A 18 -17.55 1.83 18.34
C PRO A 18 -18.61 0.88 17.77
N PRO A 19 -19.91 1.19 17.98
CA PRO A 19 -20.93 0.21 17.61
C PRO A 19 -21.19 0.12 16.11
N ILE A 20 -21.43 -1.10 15.62
CA ILE A 20 -21.78 -1.32 14.23
C ILE A 20 -23.28 -1.59 14.14
N THR A 21 -24.02 -0.64 13.60
CA THR A 21 -25.48 -0.75 13.49
C THR A 21 -25.97 -0.10 12.21
N SER A 22 -27.20 -0.42 11.81
CA SER A 22 -27.79 0.11 10.60
C SER A 22 -28.19 1.57 10.78
N GLY A 23 -27.19 2.45 10.77
CA GLY A 23 -27.43 3.89 10.90
C GLY A 23 -27.24 4.61 9.59
N SER A 24 -27.69 4.00 8.49
CA SER A 24 -27.56 4.58 7.17
C SER A 24 -28.72 5.51 6.86
N GLY A 25 -28.62 6.25 5.76
CA GLY A 25 -29.65 7.17 5.35
C GLY A 25 -29.33 8.60 5.74
N GLY A 26 -29.02 8.80 7.02
CA GLY A 26 -28.69 10.11 7.52
C GLY A 26 -27.32 10.58 7.05
N ALA A 27 -26.28 9.94 7.57
CA ALA A 27 -24.91 10.27 7.21
C ALA A 27 -24.55 9.68 5.84
N ILE A 28 -24.65 10.51 4.81
CA ILE A 28 -24.32 10.09 3.44
C ILE A 28 -23.51 11.17 2.74
N ARG A 29 -22.68 10.76 1.78
CA ARG A 29 -21.84 11.69 1.05
C ARG A 29 -22.66 12.48 0.03
N GLY A 30 -23.32 11.78 -0.88
CA GLY A 30 -24.06 12.42 -1.94
C GLY A 30 -23.12 13.10 -2.93
N ILE A 31 -23.68 13.89 -3.84
CA ILE A 31 -22.90 14.60 -4.85
C ILE A 31 -21.98 13.63 -5.60
N LYS A 32 -22.58 12.79 -6.44
CA LYS A 32 -21.83 11.78 -7.17
C LYS A 32 -21.20 12.35 -8.44
N HIS A 33 -19.90 12.10 -8.60
CA HIS A 33 -19.19 12.48 -9.80
C HIS A 33 -19.42 11.43 -10.88
N ILE A 34 -18.83 11.64 -12.06
CA ILE A 34 -19.06 10.75 -13.20
C ILE A 34 -17.87 9.84 -13.51
N ILE A 35 -16.68 10.42 -13.64
CA ILE A 35 -15.45 9.69 -13.95
C ILE A 35 -15.60 8.74 -15.14
N ILE A 36 -15.31 9.24 -16.34
CA ILE A 36 -15.42 8.42 -17.55
C ILE A 36 -14.26 7.43 -17.62
N VAL A 37 -14.57 6.15 -17.41
CA VAL A 37 -13.58 5.08 -17.44
C VAL A 37 -13.64 4.34 -18.78
N PRO A 38 -12.61 4.48 -19.64
CA PRO A 38 -12.67 3.72 -20.88
C PRO A 38 -12.48 2.22 -20.67
N ILE A 39 -13.39 1.42 -21.25
CA ILE A 39 -13.35 -0.03 -21.11
C ILE A 39 -13.32 -0.67 -22.50
N PRO A 40 -12.40 -1.62 -22.74
CA PRO A 40 -12.36 -2.19 -24.10
C PRO A 40 -13.57 -3.07 -24.42
N GLY A 41 -13.74 -3.40 -25.70
CA GLY A 41 -14.87 -4.20 -26.14
C GLY A 41 -14.67 -5.69 -25.89
N ASP A 42 -14.58 -6.46 -26.97
CA ASP A 42 -14.44 -7.91 -26.87
C ASP A 42 -13.04 -8.30 -26.40
N SER A 43 -12.87 -9.58 -26.07
CA SER A 43 -11.60 -10.09 -25.59
C SER A 43 -10.68 -10.45 -26.75
N SER A 44 -9.73 -9.55 -27.03
CA SER A 44 -8.77 -9.76 -28.11
C SER A 44 -7.56 -8.85 -27.91
N ILE A 45 -6.54 -9.01 -28.75
CA ILE A 45 -5.36 -8.16 -28.70
C ILE A 45 -5.45 -7.12 -29.81
N THR A 46 -6.59 -6.43 -29.84
CA THR A 46 -6.81 -5.31 -30.74
C THR A 46 -7.57 -4.26 -29.94
N THR A 47 -7.68 -3.05 -30.50
CA THR A 47 -8.36 -1.94 -29.83
C THR A 47 -7.71 -1.58 -28.48
N ARG A 48 -7.79 -2.49 -27.51
CA ARG A 48 -7.17 -2.28 -26.21
C ARG A 48 -5.65 -2.11 -26.31
N SER A 49 -5.06 -2.71 -27.35
CA SER A 49 -3.62 -2.60 -27.57
C SER A 49 -3.23 -1.16 -27.90
N ARG A 50 -3.97 -0.56 -28.83
CA ARG A 50 -3.72 0.84 -29.22
C ARG A 50 -4.35 1.82 -28.23
N LEU A 51 -5.34 1.36 -27.46
CA LEU A 51 -5.91 2.15 -26.38
C LEU A 51 -4.88 2.40 -25.29
N LEU A 52 -3.99 1.42 -25.10
CA LEU A 52 -2.90 1.53 -24.14
C LEU A 52 -2.05 2.76 -24.43
N ASP A 53 -1.82 3.04 -25.71
CA ASP A 53 -1.05 4.20 -26.14
C ASP A 53 -1.77 5.51 -25.82
N ARG A 54 -3.10 5.50 -25.93
CA ARG A 54 -3.88 6.71 -25.73
C ARG A 54 -4.00 7.06 -24.24
N LEU A 55 -4.08 6.04 -23.39
CA LEU A 55 -4.19 6.26 -21.96
C LEU A 55 -2.86 6.70 -21.35
N VAL A 56 -1.78 6.02 -21.73
CA VAL A 56 -0.45 6.36 -21.22
C VAL A 56 -0.02 7.76 -21.72
N ARG A 57 -0.53 8.17 -22.86
CA ARG A 57 -0.28 9.52 -23.36
C ARG A 57 -1.08 10.52 -22.55
N LEU A 58 -2.34 10.19 -22.29
CA LEU A 58 -3.24 11.07 -21.54
C LEU A 58 -2.76 11.29 -20.11
N ILE A 59 -2.25 10.24 -19.49
CA ILE A 59 -1.74 10.34 -18.12
C ILE A 59 -0.49 11.22 -18.09
N GLY A 60 0.49 10.90 -18.93
CA GLY A 60 1.70 11.69 -19.03
C GLY A 60 1.54 12.84 -20.00
N ASN A 61 0.83 13.88 -19.57
CA ASN A 61 0.59 15.05 -20.41
C ASN A 61 0.11 16.23 -19.57
N PRO A 62 0.74 17.42 -19.71
CA PRO A 62 0.17 18.56 -18.99
C PRO A 62 -1.23 18.94 -19.48
N ASP A 63 -1.85 19.91 -18.81
CA ASP A 63 -3.20 20.38 -19.13
C ASP A 63 -4.22 19.24 -19.11
N VAL A 64 -4.45 18.70 -17.92
CA VAL A 64 -5.42 17.62 -17.74
C VAL A 64 -6.23 17.84 -16.46
N SER A 65 -7.48 17.37 -16.47
CA SER A 65 -8.37 17.54 -15.33
C SER A 65 -8.31 16.33 -14.40
N GLY A 66 -9.01 16.42 -13.27
CA GLY A 66 -9.02 15.36 -12.29
C GLY A 66 -9.65 14.06 -12.77
N PRO A 67 -10.98 14.08 -13.05
CA PRO A 67 -11.66 12.87 -13.51
C PRO A 67 -11.05 12.24 -14.76
N LYS A 68 -10.50 13.07 -15.65
CA LYS A 68 -9.88 12.60 -16.87
C LYS A 68 -8.64 11.77 -16.57
N LEU A 69 -7.88 12.19 -15.55
CA LEU A 69 -6.70 11.46 -15.11
C LEU A 69 -7.09 10.28 -14.22
N THR A 70 -8.11 10.49 -13.39
CA THR A 70 -8.57 9.45 -12.47
C THR A 70 -9.15 8.26 -13.24
N GLY A 71 -10.02 8.55 -14.20
CA GLY A 71 -10.63 7.52 -15.01
C GLY A 71 -9.61 6.76 -15.84
N ALA A 72 -8.60 7.47 -16.33
CA ALA A 72 -7.53 6.85 -17.09
C ALA A 72 -6.70 5.92 -16.22
N LEU A 73 -6.46 6.33 -14.98
CA LEU A 73 -5.68 5.53 -14.04
C LEU A 73 -6.45 4.25 -13.66
N ILE A 74 -7.77 4.34 -13.60
CA ILE A 74 -8.59 3.19 -13.31
C ILE A 74 -8.64 2.26 -14.52
N GLY A 75 -8.80 2.85 -15.71
CA GLY A 75 -8.86 2.08 -16.95
C GLY A 75 -7.56 1.37 -17.27
N ILE A 76 -6.45 2.06 -17.09
CA ILE A 76 -5.13 1.48 -17.37
C ILE A 76 -4.80 0.36 -16.38
N LEU A 77 -5.38 0.42 -15.18
CA LEU A 77 -5.14 -0.60 -14.16
C LEU A 77 -5.97 -1.85 -14.51
N SER A 78 -7.28 -1.67 -14.63
CA SER A 78 -8.17 -2.78 -14.95
C SER A 78 -8.18 -3.06 -16.45
N LEU A 79 -7.21 -3.84 -16.90
CA LEU A 79 -7.11 -4.19 -18.32
C LEU A 79 -6.56 -5.62 -18.47
N PHE A 80 -7.11 -6.54 -17.69
CA PHE A 80 -6.73 -7.95 -17.77
C PHE A 80 -7.90 -8.87 -17.41
N VAL A 81 -9.12 -8.41 -17.67
CA VAL A 81 -10.33 -9.15 -17.35
C VAL A 81 -11.17 -9.31 -18.61
N GLU A 82 -11.91 -10.41 -18.69
CA GLU A 82 -12.80 -10.66 -19.83
C GLU A 82 -13.91 -9.62 -19.91
N SER A 83 -14.46 -9.27 -18.74
CA SER A 83 -15.52 -8.27 -18.66
C SER A 83 -15.20 -7.24 -17.57
N PRO A 84 -14.32 -6.27 -17.87
CA PRO A 84 -13.99 -5.24 -16.87
C PRO A 84 -15.20 -4.45 -16.39
N GLY A 85 -16.17 -4.22 -17.29
CA GLY A 85 -17.38 -3.48 -16.94
C GLY A 85 -18.15 -4.14 -15.81
N GLN A 86 -18.27 -5.47 -15.87
CA GLN A 86 -18.95 -6.22 -14.83
C GLN A 86 -18.08 -6.29 -13.57
N LEU A 87 -16.77 -6.36 -13.77
CA LEU A 87 -15.82 -6.45 -12.65
C LEU A 87 -15.87 -5.20 -11.78
N ILE A 88 -15.87 -4.04 -12.42
CA ILE A 88 -15.82 -2.77 -11.70
C ILE A 88 -17.05 -2.56 -10.83
N GLN A 89 -18.23 -2.77 -11.40
CA GLN A 89 -19.49 -2.60 -10.67
C GLN A 89 -19.57 -3.49 -9.44
N ARG A 90 -19.01 -4.69 -9.54
CA ARG A 90 -19.04 -5.65 -8.43
C ARG A 90 -17.98 -5.32 -7.37
N ILE A 91 -16.83 -4.82 -7.82
CA ILE A 91 -15.68 -4.63 -6.93
C ILE A 91 -15.58 -3.21 -6.35
N THR A 92 -16.27 -2.24 -6.93
CA THR A 92 -16.13 -0.84 -6.52
C THR A 92 -16.49 -0.63 -5.04
N ASP A 93 -17.64 -1.16 -4.62
CA ASP A 93 -18.12 -1.03 -3.24
C ASP A 93 -17.92 0.36 -2.63
N ASP A 94 -18.19 1.40 -3.42
CA ASP A 94 -17.96 2.77 -2.99
C ASP A 94 -19.23 3.62 -3.21
N PRO A 95 -19.86 4.12 -2.12
CA PRO A 95 -21.07 4.93 -2.36
C PRO A 95 -20.81 6.28 -3.02
N ASP A 96 -19.71 6.94 -2.65
CA ASP A 96 -19.45 8.31 -3.10
C ASP A 96 -19.26 8.41 -4.61
N VAL A 97 -18.73 7.35 -5.23
CA VAL A 97 -18.41 7.37 -6.65
C VAL A 97 -19.16 6.29 -7.42
N SER A 98 -19.84 6.71 -8.49
CA SER A 98 -20.52 5.78 -9.40
C SER A 98 -19.78 5.75 -10.73
N ILE A 99 -19.29 4.57 -11.10
CA ILE A 99 -18.49 4.41 -12.31
C ILE A 99 -19.38 4.17 -13.53
N ARG A 100 -19.20 4.98 -14.56
CA ARG A 100 -19.93 4.82 -15.82
C ARG A 100 -19.18 3.86 -16.75
N LEU A 101 -19.89 3.33 -17.73
CA LEU A 101 -19.31 2.38 -18.68
C LEU A 101 -19.28 2.95 -20.09
N LEU A 102 -18.08 3.07 -20.65
CA LEU A 102 -17.89 3.53 -22.03
C LEU A 102 -17.25 2.43 -22.86
N GLU A 103 -18.04 1.83 -23.76
CA GLU A 103 -17.57 0.73 -24.59
C GLU A 103 -16.69 1.25 -25.73
N VAL A 104 -15.57 0.57 -25.96
CA VAL A 104 -14.66 0.92 -27.06
C VAL A 104 -14.81 -0.07 -28.20
N VAL A 105 -15.09 0.44 -29.39
CA VAL A 105 -15.32 -0.40 -30.57
C VAL A 105 -14.09 -0.43 -31.46
N GLN A 106 -14.13 -1.26 -32.50
CA GLN A 106 -13.02 -1.40 -33.44
C GLN A 106 -12.70 -0.09 -34.15
N SER A 107 -11.41 0.22 -34.23
CA SER A 107 -10.96 1.43 -34.92
C SER A 107 -11.16 1.29 -36.42
N ASP A 108 -12.33 1.73 -36.89
CA ASP A 108 -12.68 1.61 -38.31
C ASP A 108 -12.22 2.81 -39.13
N GLN A 109 -12.30 4.00 -38.53
CA GLN A 109 -11.91 5.23 -39.22
C GLN A 109 -10.76 5.92 -38.51
N SER A 110 -10.97 6.27 -37.24
CA SER A 110 -9.96 6.94 -36.42
C SER A 110 -9.44 8.23 -37.05
N GLN A 111 -10.12 9.33 -36.80
CA GLN A 111 -9.70 10.63 -37.30
C GLN A 111 -8.44 11.09 -36.58
N SER A 112 -8.48 11.02 -35.25
CA SER A 112 -7.33 11.39 -34.43
C SER A 112 -7.39 10.67 -33.08
N GLY A 113 -7.74 9.38 -33.12
CA GLY A 113 -7.85 8.59 -31.90
C GLY A 113 -8.82 7.43 -32.08
N LEU A 114 -9.89 7.43 -31.29
CA LEU A 114 -10.91 6.40 -31.36
C LEU A 114 -12.30 7.04 -31.33
N THR A 115 -13.32 6.24 -31.59
CA THR A 115 -14.70 6.74 -31.61
C THR A 115 -15.53 6.23 -30.42
N PHE A 116 -15.22 5.02 -29.95
CA PHE A 116 -15.91 4.38 -28.82
C PHE A 116 -17.42 4.64 -28.77
N ALA A 117 -18.18 3.85 -29.54
CA ALA A 117 -19.63 3.98 -29.57
C ALA A 117 -20.24 3.49 -28.26
N GLU A 124 -21.24 8.83 -33.50
CA GLU A 124 -20.88 9.84 -32.49
C GLU A 124 -19.41 9.77 -32.10
N ASP A 125 -18.56 10.40 -32.91
CA ASP A 125 -17.13 10.44 -32.63
C ASP A 125 -16.82 11.53 -31.61
N GLU A 126 -17.05 11.21 -30.34
CA GLU A 126 -16.83 12.17 -29.26
C GLU A 126 -15.39 12.06 -28.75
N ALA A 127 -14.45 12.48 -29.60
CA ALA A 127 -13.03 12.47 -29.25
C ALA A 127 -12.38 13.78 -29.69
N ASP A 128 -13.02 14.90 -29.37
CA ASP A 128 -12.52 16.21 -29.76
C ASP A 128 -11.33 16.63 -28.89
N GLN A 129 -11.43 16.35 -27.60
CA GLN A 129 -10.36 16.72 -26.66
C GLN A 129 -10.31 15.81 -25.44
N TYR A 130 -10.56 14.51 -25.66
CA TYR A 130 -10.44 13.53 -24.59
C TYR A 130 -9.13 12.76 -24.73
N PHE A 131 -8.87 12.28 -25.95
CA PHE A 131 -7.61 11.64 -26.28
C PHE A 131 -6.76 12.56 -27.16
N SER A 132 -7.41 13.28 -28.06
CA SER A 132 -6.71 14.20 -28.97
C SER A 132 -6.44 15.54 -28.32
N HIS A 133 -5.57 15.54 -27.30
CA HIS A 133 -5.17 16.78 -26.65
C HIS A 133 -4.21 17.56 -27.54
N SER A 142 9.26 16.29 -27.04
CA SER A 142 7.95 16.79 -26.68
C SER A 142 7.67 16.47 -25.21
N ARG A 143 7.27 17.48 -24.44
CA ARG A 143 7.05 17.31 -23.01
C ARG A 143 5.81 16.45 -22.75
N PHE A 144 6.05 15.22 -22.31
CA PHE A 144 4.97 14.29 -21.97
C PHE A 144 5.25 13.40 -20.74
N GLY A 145 6.28 12.52 -20.71
CA GLY A 145 7.25 12.26 -21.77
C GLY A 145 7.06 10.88 -22.38
N TRP A 146 8.08 10.04 -22.27
CA TRP A 146 8.06 8.70 -22.86
C TRP A 146 9.05 7.79 -22.13
N PHE A 147 9.19 6.56 -22.61
CA PHE A 147 10.15 5.61 -22.03
C PHE A 147 11.58 6.13 -22.15
N GLU A 148 12.53 5.40 -21.57
CA GLU A 148 13.93 5.78 -21.59
C GLU A 148 14.45 5.91 -23.02
N ASN A 149 14.01 5.02 -23.90
CA ASN A 149 14.41 5.03 -25.30
C ASN A 149 13.61 6.05 -26.11
N LYS A 150 14.29 7.04 -26.66
CA LYS A 150 13.65 8.06 -27.49
C LYS A 150 13.52 7.55 -28.92
N GLU A 151 12.71 6.52 -29.11
CA GLU A 151 12.57 5.87 -30.41
C GLU A 151 11.39 4.91 -30.51
N ILE A 152 11.07 4.22 -29.40
CA ILE A 152 9.94 3.29 -29.32
C ILE A 152 8.66 3.88 -29.92
N SER A 153 7.89 3.03 -30.59
CA SER A 153 6.66 3.47 -31.24
C SER A 153 5.73 2.30 -31.56
N ASP A 154 4.55 2.62 -32.07
CA ASP A 154 3.56 1.63 -32.51
C ASP A 154 2.96 0.76 -31.40
N ILE A 155 3.27 1.08 -30.14
CA ILE A 155 2.73 0.39 -28.95
C ILE A 155 2.61 -1.15 -29.08
N GLU A 156 3.53 -1.74 -29.84
CA GLU A 156 3.57 -3.20 -30.03
C GLU A 156 2.28 -3.79 -30.59
N VAL A 157 2.16 -3.82 -31.91
CA VAL A 157 1.06 -4.50 -32.59
C VAL A 157 1.60 -5.77 -33.24
N GLN A 158 1.51 -6.88 -32.53
CA GLN A 158 2.11 -8.14 -32.96
C GLN A 158 1.24 -9.31 -32.51
N ASP A 159 1.76 -10.53 -32.61
CA ASP A 159 1.08 -11.73 -32.15
C ASP A 159 0.62 -11.60 -30.69
N PRO A 160 -0.39 -12.39 -30.27
CA PRO A 160 -0.92 -12.20 -28.91
C PRO A 160 0.11 -12.42 -27.79
N GLU A 161 1.14 -13.23 -28.05
CA GLU A 161 2.19 -13.43 -27.07
C GLU A 161 3.05 -12.18 -26.97
N GLY A 162 3.30 -11.73 -25.73
CA GLY A 162 4.04 -10.51 -25.48
C GLY A 162 3.17 -9.41 -24.90
N PHE A 163 1.87 -9.45 -25.23
CA PHE A 163 0.92 -8.47 -24.71
C PHE A 163 0.81 -8.55 -23.19
N ASN A 164 0.93 -9.75 -22.64
CA ASN A 164 0.86 -9.95 -21.20
C ASN A 164 2.02 -9.30 -20.46
N MET A 165 3.21 -9.32 -21.08
CA MET A 165 4.39 -8.71 -20.48
C MET A 165 4.34 -7.19 -20.54
N ILE A 166 4.07 -6.65 -21.72
CA ILE A 166 4.06 -5.20 -21.92
C ILE A 166 2.94 -4.52 -21.11
N LEU A 167 1.86 -5.26 -20.85
CA LEU A 167 0.78 -4.75 -20.02
C LEU A 167 1.18 -4.79 -18.56
N GLY A 168 1.76 -5.92 -18.14
CA GLY A 168 2.21 -6.09 -16.77
C GLY A 168 3.34 -5.17 -16.38
N THR A 169 4.11 -4.69 -17.36
CA THR A 169 5.23 -3.80 -17.09
C THR A 169 4.76 -2.49 -16.48
N ILE A 170 3.71 -1.91 -17.05
CA ILE A 170 3.17 -0.64 -16.56
C ILE A 170 2.53 -0.81 -15.19
N LEU A 171 1.70 -1.84 -15.05
CA LEU A 171 1.00 -2.11 -13.80
C LEU A 171 1.96 -2.37 -12.64
N ALA A 172 3.04 -3.08 -12.91
CA ALA A 172 4.02 -3.43 -11.88
C ALA A 172 4.61 -2.18 -11.20
N GLN A 173 4.83 -1.13 -11.98
CA GLN A 173 5.39 0.10 -11.44
C GLN A 173 4.36 0.91 -10.65
N ILE A 174 3.09 0.79 -11.03
CA ILE A 174 2.03 1.54 -10.37
C ILE A 174 1.83 1.10 -8.92
N TRP A 175 1.77 -0.22 -8.71
CA TRP A 175 1.56 -0.77 -7.37
C TRP A 175 2.73 -0.48 -6.42
N VAL A 176 3.92 -0.25 -6.99
CA VAL A 176 5.09 0.10 -6.18
C VAL A 176 4.91 1.48 -5.57
N LEU A 177 4.41 2.42 -6.38
CA LEU A 177 4.17 3.78 -5.91
C LEU A 177 3.17 3.86 -4.76
N VAL A 178 2.30 2.86 -4.65
CA VAL A 178 1.30 2.81 -3.58
C VAL A 178 1.99 2.71 -2.22
N ALA A 179 3.08 1.94 -2.15
CA ALA A 179 3.85 1.78 -0.93
C ALA A 179 4.42 3.12 -0.46
N LYS A 180 4.90 3.93 -1.41
CA LYS A 180 5.47 5.24 -1.10
C LYS A 180 4.56 6.35 -1.63
N ALA A 181 3.44 6.57 -0.94
CA ALA A 181 2.48 7.61 -1.33
C ALA A 181 1.89 8.28 -0.10
N VAL A 182 1.27 7.48 0.77
CA VAL A 182 0.66 8.00 1.99
C VAL A 182 1.66 8.04 3.16
N THR A 183 2.77 7.32 3.03
CA THR A 183 3.78 7.31 4.08
C THR A 183 4.50 8.65 4.12
N ALA A 184 5.10 9.04 2.99
CA ALA A 184 5.83 10.29 2.89
C ALA A 184 6.06 10.60 1.41
N PRO A 185 6.34 11.87 1.07
CA PRO A 185 6.63 12.13 -0.34
C PRO A 185 7.93 11.46 -0.80
N ASP A 186 8.98 11.61 -0.02
CA ASP A 186 10.27 10.96 -0.28
C ASP A 186 10.76 11.23 -1.70
N THR A 187 10.62 12.48 -2.14
CA THR A 187 11.01 12.87 -3.49
C THR A 187 12.53 12.97 -3.64
N ALA A 188 13.20 13.38 -2.58
CA ALA A 188 14.64 13.57 -2.59
C ALA A 188 15.38 12.27 -2.94
N ALA A 189 15.03 11.18 -2.27
CA ALA A 189 15.66 9.89 -2.50
C ALA A 189 14.73 8.75 -2.12
N ASP A 190 14.33 7.96 -3.11
CA ASP A 190 13.44 6.83 -2.89
C ASP A 190 14.03 5.55 -3.49
N SER A 191 13.64 4.41 -2.94
CA SER A 191 14.12 3.12 -3.41
C SER A 191 13.25 2.56 -4.53
N GLU A 192 13.13 3.31 -5.63
CA GLU A 192 12.34 2.88 -6.77
C GLU A 192 13.18 2.00 -7.69
N LEU A 193 14.45 2.37 -7.85
CA LEU A 193 15.37 1.60 -8.69
C LEU A 193 15.64 0.23 -8.07
N ARG A 194 15.59 0.16 -6.74
CA ARG A 194 15.77 -1.11 -6.03
C ARG A 194 14.70 -2.14 -6.42
N ARG A 195 13.53 -1.65 -6.81
CA ARG A 195 12.45 -2.53 -7.25
C ARG A 195 12.62 -2.95 -8.71
N TRP A 196 13.14 -2.03 -9.54
CA TRP A 196 13.26 -2.30 -10.97
C TRP A 196 14.39 -3.29 -11.28
N ILE A 197 15.46 -3.26 -10.49
CA ILE A 197 16.53 -4.25 -10.61
C ILE A 197 16.02 -5.63 -10.17
N LYS A 198 15.06 -5.63 -9.25
CA LYS A 198 14.36 -6.86 -8.90
C LYS A 198 13.34 -7.12 -10.01
N TYR A 199 12.79 -8.33 -10.04
CA TYR A 199 11.92 -8.76 -11.14
C TYR A 199 12.66 -8.65 -12.48
N THR A 200 13.96 -8.92 -12.44
CA THR A 200 14.81 -8.86 -13.63
C THR A 200 15.84 -9.99 -13.58
N GLN A 201 16.48 -10.15 -12.42
CA GLN A 201 17.34 -11.30 -12.15
C GLN A 201 16.56 -12.58 -12.42
N GLN A 202 15.29 -12.58 -12.04
CA GLN A 202 14.37 -13.65 -12.40
C GLN A 202 13.39 -13.12 -13.44
N ARG A 203 13.19 -13.88 -14.51
CA ARG A 203 12.36 -13.42 -15.63
C ARG A 203 10.88 -13.42 -15.28
N ARG A 204 10.45 -12.38 -14.57
CA ARG A 204 9.04 -12.16 -14.29
C ARG A 204 8.47 -11.18 -15.30
N VAL A 205 9.27 -10.17 -15.63
CA VAL A 205 8.91 -9.20 -16.66
C VAL A 205 10.16 -8.88 -17.47
N VAL A 206 9.99 -8.54 -18.75
CA VAL A 206 11.11 -8.24 -19.62
C VAL A 206 11.79 -6.95 -19.17
N GLY A 207 13.10 -7.03 -18.91
CA GLY A 207 13.86 -5.88 -18.46
C GLY A 207 13.97 -4.81 -19.52
N GLU A 208 12.87 -4.10 -19.75
CA GLU A 208 12.79 -3.08 -20.77
C GLU A 208 11.54 -2.24 -20.49
N PHE A 209 11.27 -1.25 -21.34
CA PHE A 209 10.10 -0.39 -21.21
C PHE A 209 10.09 0.36 -19.87
N ARG A 210 11.23 0.94 -19.53
CA ARG A 210 11.36 1.71 -18.29
C ARG A 210 10.80 3.13 -18.48
N LEU A 211 9.93 3.55 -17.58
CA LEU A 211 9.31 4.87 -17.66
C LEU A 211 10.12 5.88 -16.85
N GLU A 212 10.18 7.12 -17.36
CA GLU A 212 10.94 8.18 -16.68
C GLU A 212 10.25 8.59 -15.38
N ARG A 213 11.03 9.20 -14.50
CA ARG A 213 10.52 9.61 -13.19
C ARG A 213 9.44 10.69 -13.28
N LYS A 214 9.45 11.45 -14.37
CA LYS A 214 8.46 12.51 -14.57
C LYS A 214 7.05 11.91 -14.73
N TRP A 215 6.96 10.79 -15.44
CA TRP A 215 5.68 10.10 -15.60
C TRP A 215 5.22 9.52 -14.27
N LEU A 216 6.16 9.00 -13.50
CA LEU A 216 5.86 8.46 -12.18
C LEU A 216 5.49 9.57 -11.19
N ASP A 217 6.02 10.76 -11.40
CA ASP A 217 5.79 11.88 -10.48
C ASP A 217 4.33 12.33 -10.50
N VAL A 218 3.78 12.56 -11.69
CA VAL A 218 2.40 13.03 -11.82
C VAL A 218 1.40 11.97 -11.35
N VAL A 219 1.79 10.70 -11.39
CA VAL A 219 0.93 9.62 -10.94
C VAL A 219 0.97 9.51 -9.41
N ARG A 220 2.18 9.54 -8.86
CA ARG A 220 2.37 9.45 -7.42
C ARG A 220 1.68 10.60 -6.69
N ASN A 221 1.70 11.79 -7.30
CA ASN A 221 1.07 12.96 -6.71
C ASN A 221 -0.45 12.80 -6.62
N ARG A 222 -1.05 12.28 -7.70
CA ARG A 222 -2.50 12.11 -7.75
C ARG A 222 -2.98 11.02 -6.80
N ILE A 223 -2.17 9.98 -6.62
CA ILE A 223 -2.51 8.90 -5.71
C ILE A 223 -2.66 9.42 -4.28
N ALA A 224 -1.68 10.20 -3.85
CA ALA A 224 -1.70 10.80 -2.51
C ALA A 224 -2.80 11.86 -2.39
N GLU A 225 -3.15 12.49 -3.51
CA GLU A 225 -4.14 13.56 -3.51
C GLU A 225 -5.56 13.00 -3.33
N ASP A 226 -5.99 12.16 -4.27
CA ASP A 226 -7.35 11.64 -4.24
C ASP A 226 -7.48 10.48 -3.24
N LEU A 227 -8.63 10.42 -2.58
CA LEU A 227 -8.89 9.40 -1.57
C LEU A 227 -9.54 8.17 -2.21
N SER A 228 -10.54 8.42 -3.07
CA SER A 228 -11.28 7.33 -3.69
C SER A 228 -10.42 6.49 -4.64
N LEU A 229 -9.42 7.12 -5.25
CA LEU A 229 -8.52 6.41 -6.17
C LEU A 229 -7.77 5.30 -5.43
N ARG A 230 -7.42 5.56 -4.17
CA ARG A 230 -6.73 4.56 -3.36
C ARG A 230 -7.68 3.46 -2.88
N ARG A 231 -8.94 3.83 -2.66
CA ARG A 231 -9.95 2.87 -2.23
C ARG A 231 -10.16 1.76 -3.26
N PHE A 232 -10.14 2.15 -4.53
CA PHE A 232 -10.31 1.19 -5.63
C PHE A 232 -9.12 0.24 -5.72
N MET A 233 -7.92 0.76 -5.48
CA MET A 233 -6.70 -0.05 -5.55
C MET A 233 -6.62 -1.03 -4.40
N VAL A 234 -6.97 -0.58 -3.19
CA VAL A 234 -6.92 -1.44 -2.02
C VAL A 234 -7.94 -2.57 -2.13
N ALA A 235 -9.16 -2.23 -2.54
CA ALA A 235 -10.23 -3.21 -2.71
C ALA A 235 -9.88 -4.24 -3.77
N LEU A 236 -9.10 -3.83 -4.77
CA LEU A 236 -8.68 -4.72 -5.85
C LEU A 236 -7.77 -5.83 -5.31
N ILE A 237 -6.95 -5.51 -4.31
CA ILE A 237 -5.99 -6.46 -3.77
C ILE A 237 -6.70 -7.54 -2.94
N LEU A 238 -7.66 -7.12 -2.13
CA LEU A 238 -8.40 -8.04 -1.27
C LEU A 238 -9.16 -9.10 -2.08
N ASP A 239 -9.58 -8.75 -3.29
CA ASP A 239 -10.33 -9.67 -4.14
C ASP A 239 -9.42 -10.68 -4.83
N ILE A 240 -8.31 -10.20 -5.37
CA ILE A 240 -7.39 -11.08 -6.10
C ILE A 240 -6.56 -11.97 -5.15
N LYS A 241 -6.40 -11.53 -3.92
CA LYS A 241 -5.66 -12.31 -2.93
C LYS A 241 -6.46 -13.51 -2.46
N ARG A 242 -7.76 -13.31 -2.26
CA ARG A 242 -8.64 -14.39 -1.78
C ARG A 242 -9.09 -15.33 -2.89
N THR A 243 -8.67 -15.08 -4.13
CA THR A 243 -9.03 -15.93 -5.25
C THR A 243 -8.38 -17.32 -5.10
N PRO A 244 -9.18 -18.38 -4.93
CA PRO A 244 -8.55 -19.69 -4.73
C PRO A 244 -8.06 -20.31 -6.03
N GLY A 245 -7.36 -21.44 -5.92
CA GLY A 245 -6.86 -22.15 -7.09
C GLY A 245 -5.71 -21.43 -7.76
N ASN A 246 -5.36 -21.87 -8.95
CA ASN A 246 -4.27 -21.26 -9.70
C ASN A 246 -4.67 -19.89 -10.25
N LYS A 247 -4.26 -18.84 -9.57
CA LYS A 247 -4.59 -17.48 -9.97
C LYS A 247 -3.88 -17.13 -11.29
N PRO A 248 -4.37 -16.11 -12.02
CA PRO A 248 -3.69 -15.72 -13.27
C PRO A 248 -2.21 -15.36 -13.10
N ARG A 249 -1.49 -15.36 -14.21
CA ARG A 249 -0.06 -15.03 -14.20
C ARG A 249 0.17 -13.59 -13.75
N ILE A 250 -0.67 -12.68 -14.23
CA ILE A 250 -0.58 -11.28 -13.87
C ILE A 250 -0.92 -11.09 -12.40
N ALA A 251 -1.98 -11.77 -11.95
CA ALA A 251 -2.43 -11.68 -10.56
C ALA A 251 -1.33 -12.04 -9.57
N GLU A 252 -0.44 -12.95 -9.95
CA GLU A 252 0.70 -13.31 -9.12
C GLU A 252 1.65 -12.12 -8.97
N MET A 253 1.85 -11.40 -10.07
CA MET A 253 2.72 -10.22 -10.06
C MET A 253 2.13 -9.09 -9.23
N ILE A 254 0.80 -8.98 -9.24
CA ILE A 254 0.12 -7.93 -8.48
C ILE A 254 0.28 -8.20 -6.99
N CYS A 255 -0.03 -9.42 -6.57
CA CYS A 255 0.08 -9.83 -5.17
C CYS A 255 1.54 -9.75 -4.69
N ASN A 256 2.48 -9.99 -5.59
CA ASN A 256 3.90 -9.94 -5.26
C ASN A 256 4.31 -8.55 -4.75
N ILE A 257 3.80 -7.52 -5.40
CA ILE A 257 4.09 -6.14 -5.01
C ILE A 257 3.30 -5.78 -3.75
N ASP A 258 2.09 -6.33 -3.63
CA ASP A 258 1.24 -6.07 -2.48
C ASP A 258 1.77 -6.65 -1.17
N THR A 259 2.80 -7.49 -1.29
CA THR A 259 3.40 -8.12 -0.11
C THR A 259 4.37 -7.18 0.60
N TYR A 260 4.43 -5.94 0.15
CA TYR A 260 5.32 -4.95 0.75
C TYR A 260 4.52 -3.88 1.49
N ILE A 261 3.22 -3.83 1.23
CA ILE A 261 2.34 -2.85 1.86
C ILE A 261 2.02 -3.18 3.33
N VAL A 262 2.31 -4.42 3.75
CA VAL A 262 2.05 -4.88 5.13
C VAL A 262 2.29 -3.82 6.21
N GLU A 263 1.22 -3.09 6.53
CA GLU A 263 1.25 -2.02 7.53
C GLU A 263 2.35 -1.00 7.24
N ALA A 264 2.34 -0.46 6.03
CA ALA A 264 3.31 0.57 5.65
C ALA A 264 2.96 1.88 6.32
N GLY A 265 3.33 2.01 7.59
CA GLY A 265 3.02 3.20 8.36
C GLY A 265 3.03 2.94 9.86
N LEU A 266 2.55 1.76 10.26
CA LEU A 266 2.52 1.39 11.67
C LEU A 266 3.91 0.94 12.16
N ALA A 267 4.84 1.88 12.22
CA ALA A 267 6.18 1.59 12.71
C ALA A 267 6.17 1.41 14.22
N SER A 268 5.34 2.21 14.90
CA SER A 268 5.21 2.14 16.35
C SER A 268 4.12 1.15 16.76
N PHE A 269 4.18 -0.07 16.23
CA PHE A 269 3.20 -1.10 16.55
C PHE A 269 3.74 -2.49 16.19
N ILE A 270 4.14 -2.65 14.94
CA ILE A 270 4.70 -3.93 14.48
C ILE A 270 6.14 -4.13 14.95
N LEU A 271 6.84 -3.03 15.22
CA LEU A 271 8.24 -3.09 15.63
C LEU A 271 8.37 -3.11 17.15
N THR A 272 7.53 -2.33 17.83
CA THR A 272 7.57 -2.24 19.30
C THR A 272 7.29 -3.59 19.96
N ILE A 273 6.62 -4.49 19.25
CA ILE A 273 6.37 -5.84 19.75
C ILE A 273 7.57 -6.74 19.47
N LYS A 274 8.13 -6.62 18.27
CA LYS A 274 9.25 -7.45 17.86
C LYS A 274 10.52 -7.14 18.64
N PHE A 275 10.77 -5.85 18.86
CA PHE A 275 11.99 -5.41 19.57
C PHE A 275 11.78 -5.33 21.08
N GLY A 276 10.57 -4.99 21.51
CA GLY A 276 10.30 -4.77 22.91
C GLY A 276 9.78 -5.99 23.65
N ILE A 277 8.75 -6.63 23.09
CA ILE A 277 8.06 -7.71 23.78
C ILE A 277 8.63 -9.09 23.44
N GLU A 278 8.92 -9.32 22.17
CA GLU A 278 9.42 -10.61 21.72
C GLU A 278 10.82 -10.94 22.24
N THR A 279 11.58 -9.91 22.60
CA THR A 279 12.96 -10.11 23.06
C THR A 279 13.03 -10.46 24.55
N MET A 280 12.20 -9.81 25.35
CA MET A 280 12.14 -10.04 26.80
C MET A 280 13.49 -9.83 27.48
N TYR A 281 13.80 -8.57 27.80
CA TYR A 281 15.01 -8.23 28.54
C TYR A 281 14.70 -8.17 30.03
N PRO A 282 15.74 -8.25 30.89
CA PRO A 282 15.47 -8.13 32.33
C PRO A 282 14.81 -6.81 32.71
N ALA A 283 15.28 -5.71 32.14
CA ALA A 283 14.72 -4.40 32.40
C ALA A 283 13.53 -4.13 31.49
N LEU A 284 12.44 -4.84 31.74
CA LEU A 284 11.22 -4.70 30.94
C LEU A 284 10.01 -4.51 31.85
N GLY A 285 9.80 -5.47 32.75
CA GLY A 285 8.67 -5.43 33.66
C GLY A 285 8.95 -4.57 34.88
N LEU A 286 8.83 -3.25 34.71
CA LEU A 286 9.04 -2.30 35.81
C LEU A 286 7.74 -1.58 36.10
N HIS A 287 7.73 -0.81 37.19
CA HIS A 287 6.57 0.01 37.55
C HIS A 287 6.30 1.06 36.47
N GLU A 288 7.36 1.52 35.80
CA GLU A 288 7.24 2.53 34.76
C GLU A 288 6.50 1.97 33.54
N PHE A 289 6.89 0.78 33.12
CA PHE A 289 6.31 0.16 31.92
C PHE A 289 5.10 -0.72 32.22
N ASP A 290 4.69 -0.81 33.49
CA ASP A 290 3.58 -1.66 33.88
C ASP A 290 2.26 -1.16 33.29
N GLY A 291 2.07 0.16 33.30
CA GLY A 291 0.85 0.77 32.79
C GLY A 291 0.72 0.67 31.28
N GLU A 292 1.82 0.89 30.58
CA GLU A 292 1.82 0.86 29.12
C GLU A 292 1.75 -0.56 28.57
N LEU A 293 2.25 -1.53 29.33
CA LEU A 293 2.25 -2.92 28.89
C LEU A 293 0.83 -3.47 28.84
N SER A 294 0.02 -3.15 29.84
CA SER A 294 -1.35 -3.66 29.92
C SER A 294 -2.23 -3.12 28.81
N THR A 295 -2.20 -1.80 28.62
CA THR A 295 -3.02 -1.15 27.59
C THR A 295 -2.59 -1.52 26.18
N LEU A 296 -1.35 -1.96 26.01
CA LEU A 296 -0.84 -2.35 24.71
C LEU A 296 -1.48 -3.65 24.22
N GLU A 297 -1.81 -4.53 25.15
CA GLU A 297 -2.40 -5.83 24.80
C GLU A 297 -3.81 -5.67 24.27
N SER A 298 -4.57 -4.76 24.88
CA SER A 298 -5.93 -4.46 24.42
C SER A 298 -5.91 -3.83 23.02
N LEU A 299 -4.87 -3.07 22.74
CA LEU A 299 -4.71 -2.45 21.42
C LEU A 299 -4.36 -3.50 20.37
N MET A 300 -3.52 -4.46 20.76
CA MET A 300 -3.11 -5.53 19.86
C MET A 300 -4.28 -6.39 19.43
N ASN A 301 -5.25 -6.56 20.32
CA ASN A 301 -6.45 -7.32 20.03
C ASN A 301 -7.29 -6.66 18.94
N LEU A 302 -7.30 -5.33 18.93
CA LEU A 302 -8.04 -4.55 17.94
C LEU A 302 -7.58 -4.88 16.52
N TYR A 303 -6.28 -5.08 16.36
CA TYR A 303 -5.69 -5.39 15.05
C TYR A 303 -6.19 -6.73 14.50
N GLN A 304 -6.24 -7.74 15.36
CA GLN A 304 -6.58 -9.09 14.94
C GLN A 304 -8.08 -9.34 14.85
N GLN A 305 -8.85 -8.77 15.78
CA GLN A 305 -10.28 -9.02 15.86
C GLN A 305 -11.03 -8.65 14.57
N MET A 306 -10.53 -7.65 13.85
CA MET A 306 -11.15 -7.22 12.60
C MET A 306 -10.60 -8.04 11.43
N GLY A 307 -9.28 -8.01 11.25
CA GLY A 307 -8.64 -8.75 10.19
C GLY A 307 -9.03 -8.25 8.81
N GLU A 308 -8.77 -9.07 7.80
CA GLU A 308 -9.11 -8.76 6.41
C GLU A 308 -8.45 -7.47 5.92
N THR A 309 -8.92 -6.33 6.41
CA THR A 309 -8.37 -5.03 6.03
C THR A 309 -7.48 -4.43 7.13
N ALA A 310 -6.97 -5.29 8.00
CA ALA A 310 -6.14 -4.85 9.12
C ALA A 310 -4.77 -4.28 8.70
N PRO A 311 -4.09 -4.91 7.72
CA PRO A 311 -2.85 -4.25 7.28
C PRO A 311 -3.10 -2.90 6.61
N TYR A 312 -4.23 -2.76 5.93
CA TYR A 312 -4.56 -1.52 5.23
C TYR A 312 -5.34 -0.59 6.17
N MET A 313 -4.61 0.11 7.03
CA MET A 313 -5.22 0.98 8.03
C MET A 313 -4.84 2.44 7.80
N VAL A 314 -3.54 2.69 7.61
CA VAL A 314 -3.04 4.06 7.46
C VAL A 314 -3.52 4.75 6.18
N ILE A 315 -3.91 3.96 5.18
CA ILE A 315 -4.27 4.51 3.88
C ILE A 315 -5.64 5.17 3.91
N LEU A 316 -6.62 4.47 4.48
CA LEU A 316 -8.01 4.96 4.49
C LEU A 316 -8.60 5.01 5.90
N GLU A 317 -8.45 3.93 6.65
CA GLU A 317 -9.09 3.81 7.96
C GLU A 317 -8.60 4.88 8.93
N ASN A 318 -9.52 5.34 9.79
CA ASN A 318 -9.24 6.42 10.74
C ASN A 318 -8.72 5.91 12.08
N SER A 319 -8.56 4.60 12.23
CA SER A 319 -8.12 4.01 13.49
C SER A 319 -6.68 4.37 13.87
N ILE A 320 -5.89 4.81 12.89
CA ILE A 320 -4.49 5.13 13.14
C ILE A 320 -4.27 6.52 13.75
N GLN A 321 -5.35 7.24 14.02
CA GLN A 321 -5.25 8.59 14.56
C GLN A 321 -4.70 8.59 15.99
N ASN A 322 -5.37 7.85 16.88
CA ASN A 322 -5.02 7.84 18.30
C ASN A 322 -4.71 6.45 18.85
N LYS A 323 -5.31 5.41 18.27
CA LYS A 323 -5.18 4.06 18.79
C LYS A 323 -3.77 3.49 18.58
N PHE A 324 -3.37 3.36 17.32
CA PHE A 324 -2.08 2.77 16.99
C PHE A 324 -0.90 3.72 17.18
N SER A 325 -1.19 5.00 17.37
CA SER A 325 -0.13 6.00 17.59
C SER A 325 0.60 5.73 18.89
N ALA A 326 1.86 6.16 18.96
CA ALA A 326 2.68 5.97 20.15
C ALA A 326 2.39 7.00 21.25
N GLY A 327 1.47 7.93 20.99
CA GLY A 327 1.10 8.93 21.97
C GLY A 327 0.47 8.33 23.22
N SER A 328 -0.21 7.20 23.06
CA SER A 328 -0.83 6.51 24.18
C SER A 328 0.21 5.82 25.07
N TYR A 329 1.30 5.35 24.47
CA TYR A 329 2.35 4.64 25.20
C TYR A 329 3.74 5.15 24.80
N PRO A 330 4.08 6.40 25.17
CA PRO A 330 5.37 6.94 24.77
C PRO A 330 6.55 6.35 25.55
N LEU A 331 6.30 5.83 26.73
CA LEU A 331 7.35 5.26 27.56
C LEU A 331 7.84 3.92 27.01
N LEU A 332 6.89 3.02 26.77
CA LEU A 332 7.22 1.68 26.28
C LEU A 332 7.78 1.74 24.85
N TRP A 333 7.24 2.64 24.04
CA TRP A 333 7.69 2.81 22.67
C TRP A 333 9.13 3.30 22.59
N SER A 334 9.49 4.25 23.47
CA SER A 334 10.83 4.80 23.49
C SER A 334 11.87 3.74 23.90
N TYR A 335 11.48 2.82 24.77
CA TYR A 335 12.38 1.75 25.21
C TYR A 335 12.53 0.69 24.13
N ALA A 336 11.40 0.27 23.56
CA ALA A 336 11.40 -0.77 22.53
C ALA A 336 12.18 -0.35 21.29
N MET A 337 12.11 0.94 20.96
CA MET A 337 12.82 1.47 19.81
C MET A 337 14.32 1.61 20.13
N GLY A 338 14.62 2.04 21.35
CA GLY A 338 15.99 2.24 21.77
C GLY A 338 16.75 0.94 21.96
N VAL A 339 16.07 -0.07 22.51
CA VAL A 339 16.69 -1.36 22.76
C VAL A 339 16.94 -2.14 21.47
N GLY A 340 16.16 -1.85 20.43
CA GLY A 340 16.26 -2.55 19.17
C GLY A 340 17.09 -1.82 18.12
N VAL A 341 18.12 -1.10 18.56
CA VAL A 341 19.00 -0.39 17.64
C VAL A 341 20.16 -1.28 17.22
N GLU A 342 20.80 -1.92 18.19
CA GLU A 342 21.93 -2.80 17.93
C GLU A 342 21.48 -4.16 17.37
N LEU A 343 20.21 -4.49 17.53
CA LEU A 343 19.68 -5.76 17.02
C LEU A 343 19.74 -5.82 15.50
N GLU A 344 19.07 -4.87 14.85
CA GLU A 344 19.06 -4.79 13.39
C GLU A 344 19.81 -3.55 12.91
N ASN A 345 20.63 -3.73 11.87
CA ASN A 345 21.42 -2.64 11.32
C ASN A 345 20.57 -1.56 10.66
N SER A 346 19.40 -1.93 10.17
CA SER A 346 18.51 -0.99 9.48
C SER A 346 17.83 -0.03 10.45
N MET A 347 18.61 0.91 10.98
CA MET A 347 18.08 1.96 11.84
C MET A 347 18.75 3.29 11.51
N GLY A 348 18.88 3.57 10.22
CA GLY A 348 19.49 4.80 9.74
C GLY A 348 18.52 5.68 8.97
N GLY A 349 17.68 5.05 8.15
CA GLY A 349 16.69 5.77 7.37
C GLY A 349 15.68 6.49 8.23
N LEU A 350 15.13 5.77 9.21
CA LEU A 350 14.19 6.36 10.15
C LEU A 350 14.91 7.37 11.04
N ASN A 351 14.72 8.66 10.73
CA ASN A 351 15.44 9.72 11.41
C ASN A 351 14.95 10.03 12.83
N PHE A 352 13.82 9.43 13.23
CA PHE A 352 13.23 9.66 14.55
C PHE A 352 12.88 11.14 14.75
N GLY A 353 12.46 11.48 15.97
CA GLY A 353 12.21 12.87 16.32
C GLY A 353 10.73 13.18 16.48
N ARG A 354 10.22 13.00 17.68
CA ARG A 354 8.84 13.35 18.02
C ARG A 354 8.81 14.20 19.28
N SER A 355 7.66 14.82 19.54
CA SER A 355 7.48 15.65 20.72
C SER A 355 7.59 14.85 22.01
N TYR A 356 7.25 13.57 21.94
CA TYR A 356 7.32 12.67 23.10
C TYR A 356 8.38 11.59 22.86
N PHE A 357 9.56 12.01 22.41
CA PHE A 357 10.65 11.09 22.12
C PHE A 357 11.14 10.37 23.38
N ASP A 358 11.17 11.10 24.50
CA ASP A 358 11.60 10.55 25.79
C ASP A 358 13.01 9.97 25.69
N PRO A 359 14.04 10.86 25.65
CA PRO A 359 15.42 10.36 25.51
C PRO A 359 15.99 9.74 26.78
N ALA A 360 15.33 9.93 27.91
CA ALA A 360 15.81 9.36 29.18
C ALA A 360 15.77 7.83 29.15
N TYR A 361 14.64 7.29 28.69
CA TYR A 361 14.47 5.84 28.60
C TYR A 361 14.98 5.28 27.28
N PHE A 362 15.21 6.15 26.29
CA PHE A 362 15.74 5.72 25.01
C PHE A 362 17.15 5.17 25.16
N ARG A 363 17.99 5.91 25.86
CA ARG A 363 19.38 5.49 26.12
C ARG A 363 19.44 4.28 27.04
N LEU A 364 18.41 4.10 27.86
CA LEU A 364 18.36 2.97 28.79
C LEU A 364 18.30 1.65 28.04
N GLY A 365 17.51 1.62 26.96
CA GLY A 365 17.39 0.42 26.14
C GLY A 365 18.70 0.08 25.46
N GLN A 366 19.37 1.08 24.91
CA GLN A 366 20.66 0.90 24.27
C GLN A 366 21.73 0.48 25.28
N GLU A 367 21.57 0.91 26.52
CA GLU A 367 22.52 0.58 27.58
C GLU A 367 22.46 -0.91 27.95
N MET A 368 21.28 -1.50 27.84
CA MET A 368 21.10 -2.90 28.22
C MET A 368 21.82 -3.85 27.27
N VAL A 369 21.67 -3.62 25.97
CA VAL A 369 22.26 -4.52 24.98
C VAL A 369 23.78 -4.46 24.93
N ARG A 370 24.36 -3.33 25.34
CA ARG A 370 25.81 -3.16 25.31
C ARG A 370 26.48 -3.64 26.60
N ARG A 371 25.75 -3.58 27.72
CA ARG A 371 26.29 -4.05 28.99
C ARG A 371 26.24 -5.57 29.11
N SER A 372 25.19 -6.17 28.57
CA SER A 372 25.02 -7.62 28.64
C SER A 372 26.10 -8.34 27.85
N ALA A 373 26.13 -8.13 26.54
CA ALA A 373 27.09 -8.78 25.65
C ALA A 373 27.11 -10.28 25.85
N GLY A 374 25.93 -10.89 25.89
CA GLY A 374 25.79 -12.31 26.14
C GLY A 374 25.55 -12.58 27.61
N LYS A 375 26.45 -13.34 28.23
CA LYS A 375 26.36 -13.68 29.64
C LYS A 375 25.03 -14.35 30.00
N VAL A 376 23.95 -13.57 30.04
CA VAL A 376 22.63 -14.11 30.31
C VAL A 376 22.11 -14.80 29.04
N SER A 377 21.24 -15.79 29.21
CA SER A 377 20.71 -16.56 28.08
C SER A 377 19.22 -16.81 28.22
N SER A 378 18.48 -15.80 28.66
CA SER A 378 17.02 -15.86 28.78
C SER A 378 16.57 -17.07 29.60
N THR A 379 17.31 -17.39 30.65
CA THR A 379 17.08 -18.57 31.48
C THR A 379 16.99 -19.85 30.64
N LEU A 380 15.90 -20.04 29.91
CA LEU A 380 15.69 -21.20 29.05
C LEU A 380 15.94 -22.51 29.79
N ALA A 381 15.02 -22.86 30.68
CA ALA A 381 15.17 -24.06 31.50
C ALA A 381 14.64 -25.30 30.76
N SER A 382 15.34 -25.69 29.70
CA SER A 382 14.97 -26.88 28.93
C SER A 382 16.20 -27.50 28.28
N GLU A 383 16.80 -26.78 27.33
CA GLU A 383 17.99 -27.25 26.62
C GLU A 383 18.93 -26.09 26.35
N LEU A 384 19.82 -25.82 27.29
CA LEU A 384 20.76 -24.71 27.18
C LEU A 384 22.15 -25.12 27.65
N GLY A 385 22.26 -25.50 28.92
CA GLY A 385 23.54 -25.83 29.52
C GLY A 385 23.98 -24.78 30.51
N ILE A 386 25.21 -24.89 30.99
CA ILE A 386 25.75 -23.97 31.98
C ILE A 386 27.07 -23.38 31.48
N THR A 387 27.33 -22.12 31.85
CA THR A 387 28.60 -21.42 31.57
C THR A 387 29.10 -21.52 30.11
N ALA A 388 30.36 -21.17 29.87
CA ALA A 388 30.99 -21.29 28.57
C ALA A 388 30.37 -20.36 27.54
N GLU A 389 30.42 -19.06 27.82
CA GLU A 389 29.93 -18.03 26.90
C GLU A 389 30.88 -16.84 26.92
N ASP A 390 32.09 -17.03 26.37
CA ASP A 390 33.10 -15.98 26.38
C ASP A 390 32.72 -14.84 25.44
N ALA A 391 32.43 -15.17 24.18
CA ALA A 391 32.06 -14.17 23.19
C ALA A 391 30.66 -13.64 23.45
#